data_5XGG
#
_entry.id   5XGG
#
_cell.length_a   52.110
_cell.length_b   77.670
_cell.length_c   61.830
_cell.angle_alpha   90.00
_cell.angle_beta   108.24
_cell.angle_gamma   90.00
#
_symmetry.space_group_name_H-M   'P 1 21 1'
#
loop_
_entity.id
_entity.type
_entity.pdbx_description
1 polymer 'Unconventional myosin IB'
2 non-polymer 'SULFATE ION'
3 water water
#
_entity_poly.entity_id   1
_entity_poly.type   'polypeptide(L)'
_entity_poly.pdbx_seq_one_letter_code
;ASMLPQVKALYPYTAANDEELSFKVGDIITILEKDEGWWKGELNGQEGWIPNNYVKEILEHHHHHH
;
_entity_poly.pdbx_strand_id   A,B,C,D,E,F
#
# COMPACT_ATOMS: atom_id res chain seq x y z
N ALA A 1 -19.87 7.56 -37.44
CA ALA A 1 -18.82 7.30 -36.40
C ALA A 1 -18.51 5.81 -36.27
N SER A 2 -17.41 5.56 -35.58
CA SER A 2 -16.96 4.17 -35.28
C SER A 2 -16.79 4.07 -33.82
N MET A 3 -17.18 2.93 -33.28
CA MET A 3 -16.94 2.58 -31.92
C MET A 3 -15.62 1.93 -31.76
N LEU A 4 -14.77 2.55 -30.97
CA LEU A 4 -13.41 2.04 -30.78
C LEU A 4 -13.48 1.02 -29.67
N PRO A 5 -12.50 0.09 -29.60
CA PRO A 5 -12.48 -0.83 -28.44
C PRO A 5 -12.22 -0.11 -27.12
N GLN A 6 -12.80 -0.59 -26.02
CA GLN A 6 -12.52 -0.01 -24.72
C GLN A 6 -12.18 -1.12 -23.78
N VAL A 7 -11.32 -0.82 -22.82
CA VAL A 7 -10.82 -1.81 -21.89
C VAL A 7 -10.95 -1.22 -20.51
N LYS A 8 -11.07 -2.11 -19.54
CA LYS A 8 -11.06 -1.71 -18.10
C LYS A 8 -9.79 -2.24 -17.43
N ALA A 9 -9.07 -1.36 -16.76
CA ALA A 9 -7.83 -1.76 -16.09
C ALA A 9 -8.18 -2.71 -14.91
N LEU A 10 -7.42 -3.80 -14.84
CA LEU A 10 -7.54 -4.82 -13.83
C LEU A 10 -6.55 -4.48 -12.66
N TYR A 11 -5.37 -3.96 -13.03
CA TYR A 11 -4.36 -3.56 -12.02
C TYR A 11 -3.84 -2.16 -12.44
N PRO A 12 -3.26 -1.37 -11.49
CA PRO A 12 -2.71 -0.13 -11.89
C PRO A 12 -1.40 -0.36 -12.65
N TYR A 13 -0.97 0.65 -13.37
CA TYR A 13 0.28 0.60 -14.13
C TYR A 13 0.91 1.96 -14.09
N THR A 14 2.21 2.02 -13.83
CA THR A 14 3.01 3.23 -13.98
C THR A 14 3.86 3.18 -15.19
N ALA A 15 3.65 4.10 -16.09
CA ALA A 15 4.44 4.22 -17.29
C ALA A 15 5.92 4.19 -17.03
N ALA A 16 6.62 3.45 -17.86
CA ALA A 16 8.07 3.29 -17.70
C ALA A 16 8.82 4.37 -18.50
N ASN A 17 8.12 5.17 -19.29
CA ASN A 17 8.78 6.17 -20.13
C ASN A 17 7.62 7.00 -20.65
N ASP A 18 8.02 8.10 -21.28
CA ASP A 18 7.09 9.12 -21.75
C ASP A 18 6.05 8.67 -22.77
N GLU A 19 6.31 7.57 -23.46
CA GLU A 19 5.49 7.09 -24.52
C GLU A 19 4.48 6.06 -24.04
N GLU A 20 4.58 5.69 -22.76
CA GLU A 20 3.57 4.84 -22.11
C GLU A 20 2.54 5.72 -21.36
N LEU A 21 1.43 5.05 -21.04
CA LEU A 21 0.31 5.63 -20.31
C LEU A 21 0.17 4.95 -18.97
N SER A 22 0.16 5.74 -17.90
CA SER A 22 -0.22 5.25 -16.57
C SER A 22 -1.72 5.21 -16.34
N PHE A 23 -2.14 4.36 -15.39
CA PHE A 23 -3.57 4.21 -15.12
C PHE A 23 -3.73 3.48 -13.80
N LYS A 24 -4.95 3.56 -13.29
CA LYS A 24 -5.34 2.95 -12.06
C LYS A 24 -6.42 1.92 -12.34
N VAL A 25 -6.67 1.06 -11.37
CA VAL A 25 -7.64 0.01 -11.48
C VAL A 25 -8.99 0.60 -11.71
N GLY A 26 -9.69 0.03 -12.69
CA GLY A 26 -11.00 0.49 -13.05
C GLY A 26 -11.10 1.50 -14.15
N ASP A 27 -9.95 2.11 -14.47
CA ASP A 27 -9.93 3.09 -15.54
C ASP A 27 -10.40 2.46 -16.79
N ILE A 28 -11.24 3.23 -17.55
CA ILE A 28 -11.78 2.80 -18.86
C ILE A 28 -10.98 3.52 -19.94
N ILE A 29 -10.18 2.75 -20.64
CA ILE A 29 -9.20 3.22 -21.63
C ILE A 29 -9.69 2.85 -23.04
N THR A 30 -9.69 3.85 -23.95
CA THR A 30 -10.02 3.66 -25.35
C THR A 30 -8.81 3.23 -26.16
N ILE A 31 -8.94 2.26 -27.06
CA ILE A 31 -7.82 1.67 -27.78
C ILE A 31 -7.76 2.22 -29.20
N LEU A 32 -6.63 2.84 -29.54
CA LEU A 32 -6.44 3.49 -30.83
C LEU A 32 -5.68 2.59 -31.83
N GLU A 33 -4.92 1.61 -31.34
CA GLU A 33 -4.01 0.86 -32.17
C GLU A 33 -3.47 -0.29 -31.31
N LYS A 34 -3.04 -1.36 -31.98
CA LYS A 34 -2.47 -2.55 -31.29
C LYS A 34 -1.10 -2.88 -31.83
N ASP A 35 -0.19 -3.29 -30.95
CA ASP A 35 1.12 -3.77 -31.34
C ASP A 35 1.51 -4.93 -30.44
N GLU A 36 1.01 -6.11 -30.80
CA GLU A 36 1.22 -7.34 -30.04
C GLU A 36 0.81 -7.11 -28.53
N GLY A 37 1.72 -7.23 -27.62
CA GLY A 37 1.41 -7.14 -26.20
C GLY A 37 1.13 -5.74 -25.66
N TRP A 38 1.32 -4.71 -26.49
CA TRP A 38 1.10 -3.31 -26.10
C TRP A 38 0.07 -2.67 -26.95
N TRP A 39 -0.88 -1.97 -26.32
CA TRP A 39 -1.97 -1.33 -27.04
C TRP A 39 -1.87 0.13 -26.84
N LYS A 40 -2.20 0.92 -27.86
CA LYS A 40 -2.12 2.36 -27.66
C LYS A 40 -3.44 2.86 -27.08
N GLY A 41 -3.42 3.32 -25.81
CA GLY A 41 -4.61 3.75 -25.11
C GLY A 41 -4.76 5.23 -25.05
N GLU A 42 -5.99 5.67 -24.82
CA GLU A 42 -6.36 7.02 -24.62
C GLU A 42 -7.22 7.12 -23.41
N LEU A 43 -6.87 8.04 -22.49
CA LEU A 43 -7.52 8.18 -21.24
C LEU A 43 -7.38 9.66 -20.82
N ASN A 44 -8.51 10.32 -20.58
CA ASN A 44 -8.54 11.70 -20.07
C ASN A 44 -7.65 12.65 -20.94
N GLY A 45 -7.65 12.45 -22.25
CA GLY A 45 -6.94 13.30 -23.13
C GLY A 45 -5.48 13.04 -23.23
N GLN A 46 -5.03 11.94 -22.65
CA GLN A 46 -3.63 11.51 -22.83
C GLN A 46 -3.55 10.20 -23.60
N GLU A 47 -2.49 9.99 -24.36
CA GLU A 47 -2.35 8.80 -25.25
C GLU A 47 -0.97 8.19 -24.96
N GLY A 48 -0.95 6.89 -24.78
CA GLY A 48 0.33 6.20 -24.64
C GLY A 48 0.14 4.70 -24.70
N TRP A 49 1.23 3.97 -24.78
CA TRP A 49 1.14 2.53 -24.78
C TRP A 49 0.85 1.99 -23.37
N ILE A 50 0.04 0.94 -23.38
CA ILE A 50 -0.31 0.17 -22.20
C ILE A 50 -0.10 -1.30 -22.47
N PRO A 51 0.30 -2.05 -21.42
CA PRO A 51 0.37 -3.51 -21.52
C PRO A 51 -1.00 -4.15 -21.51
N ASN A 52 -1.32 -4.91 -22.58
CA ASN A 52 -2.65 -5.43 -22.70
C ASN A 52 -3.02 -6.46 -21.63
N ASN A 53 -2.02 -7.11 -20.99
CA ASN A 53 -2.32 -8.03 -19.91
C ASN A 53 -2.61 -7.37 -18.57
N TYR A 54 -2.74 -6.01 -18.55
CA TYR A 54 -3.24 -5.27 -17.38
C TYR A 54 -4.68 -4.94 -17.46
N VAL A 55 -5.29 -5.20 -18.60
CA VAL A 55 -6.65 -4.79 -18.83
C VAL A 55 -7.51 -5.89 -19.44
N LYS A 56 -8.81 -5.63 -19.46
CA LYS A 56 -9.83 -6.55 -20.03
C LYS A 56 -10.75 -5.80 -20.93
N GLU A 57 -10.82 -6.30 -22.15
CA GLU A 57 -11.60 -5.62 -23.19
C GLU A 57 -13.05 -5.70 -22.80
N ILE A 58 -13.81 -4.64 -23.03
CA ILE A 58 -15.23 -4.58 -22.66
C ILE A 58 -15.98 -4.92 -23.91
N LEU A 59 -16.78 -5.96 -23.89
CA LEU A 59 -17.46 -6.45 -25.13
C LEU A 59 -18.94 -6.37 -24.84
N GLU A 60 -19.75 -5.98 -25.83
CA GLU A 60 -21.24 -5.98 -25.63
C GLU A 60 -21.75 -7.26 -26.27
N HIS A 61 -22.11 -8.23 -25.44
CA HIS A 61 -22.65 -9.52 -25.93
C HIS A 61 -24.12 -9.44 -26.45
N HIS A 62 -24.86 -8.46 -25.90
CA HIS A 62 -26.30 -8.37 -26.04
C HIS A 62 -26.72 -6.93 -26.33
N HIS A 63 -27.85 -6.82 -27.01
CA HIS A 63 -28.47 -5.52 -27.29
C HIS A 63 -29.03 -4.97 -25.95
N HIS A 64 -28.90 -3.67 -25.74
CA HIS A 64 -29.51 -2.92 -24.60
C HIS A 64 -30.41 -1.80 -25.15
N ALA B 1 -21.04 -13.75 20.49
CA ALA B 1 -20.47 -13.25 19.22
C ALA B 1 -20.60 -14.35 18.15
N SER B 2 -20.53 -13.97 16.89
CA SER B 2 -20.42 -15.00 15.87
C SER B 2 -19.61 -14.33 14.81
N MET B 3 -19.23 -15.08 13.80
CA MET B 3 -18.37 -14.51 12.80
C MET B 3 -19.10 -13.68 11.74
N LEU B 4 -18.58 -12.52 11.41
CA LEU B 4 -19.08 -11.77 10.30
C LEU B 4 -18.74 -12.58 8.99
N PRO B 5 -19.40 -12.22 7.89
CA PRO B 5 -19.05 -12.82 6.58
C PRO B 5 -17.66 -12.48 6.18
N GLN B 6 -16.98 -13.43 5.59
CA GLN B 6 -15.60 -13.20 5.11
C GLN B 6 -15.51 -13.59 3.64
N VAL B 7 -14.53 -12.95 2.99
CA VAL B 7 -14.14 -13.26 1.69
C VAL B 7 -12.66 -13.57 1.62
N LYS B 8 -12.28 -14.32 0.59
CA LYS B 8 -10.88 -14.56 0.30
C LYS B 8 -10.62 -13.87 -1.07
N ALA B 9 -9.57 -13.05 -1.10
CA ALA B 9 -9.16 -12.40 -2.30
C ALA B 9 -8.59 -13.42 -3.34
N LEU B 10 -9.16 -13.33 -4.52
CA LEU B 10 -8.69 -14.13 -5.66
C LEU B 10 -7.60 -13.42 -6.45
N TYR B 11 -7.75 -12.10 -6.60
CA TYR B 11 -6.84 -11.25 -7.37
C TYR B 11 -6.48 -10.09 -6.53
N PRO B 12 -5.28 -9.54 -6.70
CA PRO B 12 -4.93 -8.37 -5.90
C PRO B 12 -5.67 -7.13 -6.40
N TYR B 13 -5.95 -6.25 -5.46
CA TYR B 13 -6.65 -5.03 -5.72
C TYR B 13 -5.83 -3.91 -5.15
N THR B 14 -5.60 -2.89 -5.96
CA THR B 14 -4.90 -1.69 -5.48
C THR B 14 -5.94 -0.55 -5.55
N ALA B 15 -6.32 0.00 -4.41
CA ALA B 15 -7.33 1.05 -4.31
C ALA B 15 -7.06 2.21 -5.27
N ALA B 16 -8.12 2.59 -5.94
CA ALA B 16 -8.03 3.72 -6.84
C ALA B 16 -8.19 5.06 -6.10
N ASN B 17 -8.66 5.02 -4.87
CA ASN B 17 -8.87 6.19 -4.08
C ASN B 17 -8.93 5.83 -2.60
N ASP B 18 -8.98 6.86 -1.77
CA ASP B 18 -8.80 6.64 -0.34
C ASP B 18 -9.94 5.91 0.33
N GLU B 19 -11.13 5.83 -0.33
CA GLU B 19 -12.29 5.19 0.25
C GLU B 19 -12.31 3.71 -0.07
N GLU B 20 -11.34 3.25 -0.80
CA GLU B 20 -11.25 1.80 -1.20
C GLU B 20 -10.19 1.12 -0.39
N LEU B 21 -10.31 -0.22 -0.24
CA LEU B 21 -9.33 -1.04 0.46
C LEU B 21 -8.49 -1.83 -0.47
N SER B 22 -7.21 -1.67 -0.42
CA SER B 22 -6.28 -2.55 -1.14
C SER B 22 -6.11 -3.89 -0.49
N PHE B 23 -5.77 -4.92 -1.26
CA PHE B 23 -5.52 -6.24 -0.71
C PHE B 23 -4.70 -7.07 -1.64
N LYS B 24 -4.12 -8.14 -1.08
CA LYS B 24 -3.33 -9.14 -1.83
C LYS B 24 -4.06 -10.40 -2.03
N VAL B 25 -3.60 -11.20 -2.99
CA VAL B 25 -4.13 -12.54 -3.23
C VAL B 25 -4.12 -13.30 -1.96
N GLY B 26 -5.23 -13.92 -1.61
CA GLY B 26 -5.34 -14.83 -0.49
C GLY B 26 -5.77 -14.18 0.82
N ASP B 27 -5.82 -12.84 0.89
CA ASP B 27 -6.17 -12.11 2.07
C ASP B 27 -7.61 -12.43 2.45
N ILE B 28 -7.90 -12.50 3.76
CA ILE B 28 -9.26 -12.84 4.22
C ILE B 28 -9.76 -11.53 4.77
N ILE B 29 -10.78 -11.02 4.17
CA ILE B 29 -11.34 -9.74 4.44
C ILE B 29 -12.75 -9.96 5.07
N THR B 30 -13.02 -9.22 6.11
CA THR B 30 -14.28 -9.23 6.78
C THR B 30 -15.24 -8.29 6.11
N ILE B 31 -16.48 -8.70 5.92
CA ILE B 31 -17.47 -7.91 5.21
C ILE B 31 -18.38 -7.23 6.20
N LEU B 32 -18.36 -5.90 6.17
CA LEU B 32 -19.27 -5.05 7.03
C LEU B 32 -20.58 -4.62 6.44
N GLU B 33 -20.70 -4.63 5.11
CA GLU B 33 -21.89 -4.15 4.41
C GLU B 33 -21.75 -4.44 2.95
N LYS B 34 -22.88 -4.61 2.24
CA LYS B 34 -22.85 -4.93 0.78
C LYS B 34 -23.64 -3.92 -0.06
N ASP B 35 -23.09 -3.45 -1.19
CA ASP B 35 -23.73 -2.44 -2.05
C ASP B 35 -23.59 -2.79 -3.49
N GLU B 36 -24.44 -3.61 -4.00
CA GLU B 36 -24.36 -3.98 -5.41
C GLU B 36 -22.99 -4.66 -5.70
N GLY B 37 -22.15 -4.04 -6.50
CA GLY B 37 -20.88 -4.64 -6.96
C GLY B 37 -19.72 -4.38 -6.00
N TRP B 38 -19.94 -3.59 -4.95
CA TRP B 38 -18.91 -3.21 -3.99
C TRP B 38 -19.32 -3.50 -2.55
N TRP B 39 -18.41 -4.07 -1.77
CA TRP B 39 -18.71 -4.40 -0.39
C TRP B 39 -17.78 -3.64 0.51
N LYS B 40 -18.20 -3.34 1.75
CA LYS B 40 -17.34 -2.71 2.68
C LYS B 40 -16.54 -3.75 3.43
N GLY B 41 -15.21 -3.70 3.29
CA GLY B 41 -14.33 -4.67 3.83
C GLY B 41 -13.53 -4.14 4.98
N GLU B 42 -13.03 -5.05 5.80
CA GLU B 42 -12.13 -4.71 6.87
C GLU B 42 -11.01 -5.66 6.89
N LEU B 43 -9.76 -5.20 6.85
CA LEU B 43 -8.57 -6.08 6.75
C LEU B 43 -7.50 -5.48 7.64
N ASN B 44 -7.14 -6.23 8.67
CA ASN B 44 -6.10 -5.77 9.59
C ASN B 44 -6.47 -4.39 10.17
N GLY B 45 -7.77 -4.19 10.43
CA GLY B 45 -8.24 -2.91 11.01
C GLY B 45 -8.54 -1.77 10.05
N GLN B 46 -8.14 -1.91 8.81
CA GLN B 46 -8.35 -0.91 7.77
C GLN B 46 -9.68 -1.17 7.17
N GLU B 47 -10.43 -0.15 6.83
CA GLU B 47 -11.73 -0.32 6.24
C GLU B 47 -11.85 0.41 4.90
N GLY B 48 -12.51 -0.23 3.93
CA GLY B 48 -12.82 0.45 2.69
C GLY B 48 -13.62 -0.40 1.74
N TRP B 49 -14.06 0.20 0.62
CA TRP B 49 -14.83 -0.55 -0.36
C TRP B 49 -13.93 -1.43 -1.16
N ILE B 50 -14.45 -2.65 -1.45
CA ILE B 50 -13.77 -3.61 -2.29
C ILE B 50 -14.73 -4.10 -3.43
N PRO B 51 -14.14 -4.45 -4.59
CA PRO B 51 -14.97 -4.94 -5.72
C PRO B 51 -15.22 -6.39 -5.47
N ASN B 52 -16.49 -6.74 -5.50
CA ASN B 52 -16.80 -8.13 -5.15
C ASN B 52 -16.33 -9.16 -6.19
N ASN B 53 -15.98 -8.72 -7.39
CA ASN B 53 -15.49 -9.61 -8.44
C ASN B 53 -14.02 -9.92 -8.25
N TYR B 54 -13.38 -9.35 -7.22
CA TYR B 54 -11.99 -9.79 -6.93
C TYR B 54 -11.88 -10.78 -5.79
N VAL B 55 -13.04 -11.16 -5.21
CA VAL B 55 -13.02 -11.98 -4.04
C VAL B 55 -14.07 -13.09 -4.14
N LYS B 56 -13.89 -14.09 -3.30
CA LYS B 56 -14.81 -15.18 -3.18
C LYS B 56 -15.33 -15.29 -1.70
N GLU B 57 -16.65 -15.19 -1.51
CA GLU B 57 -17.18 -15.33 -0.17
C GLU B 57 -16.89 -16.74 0.39
N ILE B 58 -16.51 -16.83 1.69
CA ILE B 58 -16.15 -18.08 2.34
C ILE B 58 -17.45 -18.72 2.80
N LEU B 59 -17.84 -19.78 2.13
CA LEU B 59 -19.13 -20.46 2.35
C LEU B 59 -18.83 -21.97 2.27
N GLU B 60 -18.63 -22.65 3.38
CA GLU B 60 -18.15 -24.03 3.36
C GLU B 60 -19.27 -25.03 2.99
N HIS B 61 -18.92 -26.05 2.18
CA HIS B 61 -19.80 -27.16 1.88
C HIS B 61 -19.33 -28.46 2.49
N HIS B 62 -18.20 -28.44 3.14
CA HIS B 62 -17.72 -29.61 3.84
C HIS B 62 -17.19 -29.12 5.20
N HIS B 63 -17.24 -30.01 6.17
CA HIS B 63 -16.67 -29.72 7.48
C HIS B 63 -15.18 -30.06 7.45
N HIS B 64 -14.38 -29.20 8.05
CA HIS B 64 -12.90 -29.33 8.06
C HIS B 64 -12.39 -29.38 9.49
N ALA C 1 24.62 -28.15 -15.92
CA ALA C 1 23.98 -27.22 -15.05
C ALA C 1 22.70 -27.75 -14.45
N SER C 2 22.26 -27.03 -13.45
CA SER C 2 21.04 -27.37 -12.75
C SER C 2 19.93 -26.44 -13.19
N MET C 3 18.78 -27.06 -13.40
CA MET C 3 17.62 -26.31 -13.82
C MET C 3 17.01 -25.64 -12.57
N LEU C 4 16.70 -24.34 -12.63
CA LEU C 4 15.97 -23.70 -11.57
C LEU C 4 14.51 -23.54 -11.97
N PRO C 5 13.57 -23.59 -11.00
CA PRO C 5 12.18 -23.32 -11.40
C PRO C 5 12.01 -21.93 -11.98
N GLN C 6 11.09 -21.83 -12.93
CA GLN C 6 10.71 -20.55 -13.49
C GLN C 6 9.22 -20.40 -13.29
N VAL C 7 8.75 -19.15 -13.12
CA VAL C 7 7.36 -18.94 -12.80
C VAL C 7 6.94 -17.77 -13.68
N LYS C 8 5.67 -17.68 -13.95
CA LYS C 8 5.15 -16.59 -14.74
C LYS C 8 4.24 -15.80 -13.82
N ALA C 9 4.40 -14.50 -13.81
CA ALA C 9 3.54 -13.64 -12.95
C ALA C 9 2.15 -13.56 -13.51
N LEU C 10 1.17 -13.90 -12.68
CA LEU C 10 -0.26 -13.76 -13.03
C LEU C 10 -0.74 -12.36 -12.84
N TYR C 11 -0.24 -11.69 -11.82
CA TYR C 11 -0.61 -10.36 -11.43
C TYR C 11 0.65 -9.52 -11.14
N PRO C 12 0.58 -8.20 -11.19
CA PRO C 12 1.79 -7.43 -10.81
C PRO C 12 1.88 -7.30 -9.31
N TYR C 13 3.09 -7.00 -8.80
CA TYR C 13 3.30 -6.88 -7.39
C TYR C 13 4.29 -5.78 -7.24
N THR C 14 4.04 -4.94 -6.25
CA THR C 14 4.93 -3.89 -5.85
C THR C 14 5.54 -4.26 -4.47
N ALA C 15 6.85 -4.34 -4.48
CA ALA C 15 7.62 -4.64 -3.27
C ALA C 15 7.19 -3.73 -2.14
N ALA C 16 6.86 -4.34 -1.02
CA ALA C 16 6.47 -3.55 0.17
C ALA C 16 7.56 -3.36 1.20
N ASN C 17 8.70 -4.00 1.02
CA ASN C 17 9.88 -3.67 1.79
C ASN C 17 11.16 -3.91 0.96
N ASP C 18 12.31 -3.58 1.54
CA ASP C 18 13.56 -3.69 0.80
C ASP C 18 14.01 -5.08 0.38
N GLU C 19 13.50 -6.12 1.04
CA GLU C 19 13.81 -7.49 0.78
C GLU C 19 12.92 -8.08 -0.37
N GLU C 20 11.90 -7.37 -0.81
CA GLU C 20 10.97 -7.90 -1.76
C GLU C 20 11.29 -7.50 -3.15
N LEU C 21 10.72 -8.20 -4.13
CA LEU C 21 10.94 -7.94 -5.56
C LEU C 21 9.60 -7.54 -6.22
N SER C 22 9.60 -6.43 -6.95
CA SER C 22 8.48 -6.02 -7.77
C SER C 22 8.54 -6.73 -9.10
N PHE C 23 7.36 -6.89 -9.69
CA PHE C 23 7.27 -7.52 -10.98
C PHE C 23 5.93 -7.21 -11.68
N LYS C 24 5.93 -7.43 -12.99
CA LYS C 24 4.83 -7.12 -13.85
C LYS C 24 4.13 -8.35 -14.34
N VAL C 25 2.87 -8.19 -14.67
CA VAL C 25 2.14 -9.28 -15.22
C VAL C 25 2.93 -9.88 -16.38
N GLY C 26 3.02 -11.20 -16.40
CA GLY C 26 3.72 -11.92 -17.47
C GLY C 26 5.19 -12.08 -17.32
N ASP C 27 5.82 -11.38 -16.38
CA ASP C 27 7.23 -11.57 -16.12
C ASP C 27 7.56 -12.98 -15.84
N ILE C 28 8.72 -13.41 -16.40
CA ILE C 28 9.19 -14.77 -16.13
C ILE C 28 10.34 -14.61 -15.12
N ILE C 29 10.12 -15.21 -13.95
CA ILE C 29 10.98 -15.08 -12.77
C ILE C 29 11.62 -16.45 -12.46
N THR C 30 12.92 -16.41 -12.23
CA THR C 30 13.67 -17.60 -11.76
C THR C 30 13.59 -17.73 -10.29
N ILE C 31 13.34 -18.94 -9.75
CA ILE C 31 13.27 -19.13 -8.35
C ILE C 31 14.51 -19.68 -7.69
N LEU C 32 15.05 -18.92 -6.74
CA LEU C 32 16.37 -19.27 -6.11
C LEU C 32 16.17 -20.03 -4.82
N GLU C 33 15.06 -19.80 -4.14
CA GLU C 33 14.75 -20.43 -2.92
C GLU C 33 13.24 -20.43 -2.66
N LYS C 34 12.74 -21.46 -1.95
CA LYS C 34 11.32 -21.56 -1.64
C LYS C 34 11.12 -21.61 -0.14
N ASP C 35 10.53 -20.56 0.48
CA ASP C 35 10.29 -20.44 1.98
C ASP C 35 8.83 -20.20 2.35
N GLU C 36 8.03 -21.24 2.17
CA GLU C 36 6.61 -21.25 2.55
C GLU C 36 5.84 -20.32 1.59
N GLY C 37 5.12 -19.32 2.03
CA GLY C 37 4.34 -18.49 1.06
C GLY C 37 5.14 -17.49 0.22
N TRP C 38 6.44 -17.39 0.48
CA TRP C 38 7.33 -16.41 -0.18
C TRP C 38 8.48 -17.18 -0.80
N TRP C 39 8.77 -16.86 -2.10
CA TRP C 39 9.83 -17.50 -2.85
C TRP C 39 10.82 -16.40 -3.14
N LYS C 40 12.11 -16.73 -3.14
CA LYS C 40 13.09 -15.74 -3.55
C LYS C 40 13.20 -15.83 -5.10
N GLY C 41 12.79 -14.80 -5.79
CA GLY C 41 12.86 -14.75 -7.24
C GLY C 41 13.97 -13.87 -7.78
N GLU C 42 14.40 -14.15 -8.99
CA GLU C 42 15.36 -13.38 -9.72
C GLU C 42 14.77 -12.95 -11.06
N LEU C 43 15.02 -11.69 -11.44
CA LEU C 43 14.42 -11.13 -12.61
C LEU C 43 15.32 -10.02 -13.16
N ASN C 44 15.90 -10.21 -14.33
CA ASN C 44 16.80 -9.20 -14.90
C ASN C 44 17.90 -8.72 -13.93
N GLY C 45 18.51 -9.62 -13.18
CA GLY C 45 19.57 -9.23 -12.21
C GLY C 45 19.19 -8.84 -10.80
N GLN C 46 17.89 -8.66 -10.57
CA GLN C 46 17.37 -8.18 -9.33
C GLN C 46 16.79 -9.39 -8.63
N GLU C 47 17.08 -9.54 -7.33
CA GLU C 47 16.46 -10.64 -6.57
C GLU C 47 15.72 -10.12 -5.38
N GLY C 48 14.73 -10.85 -4.94
CA GLY C 48 13.96 -10.48 -3.76
C GLY C 48 12.85 -11.49 -3.59
N TRP C 49 12.18 -11.37 -2.50
CA TRP C 49 11.11 -12.20 -2.11
C TRP C 49 9.83 -11.78 -2.83
N ILE C 50 9.12 -12.79 -3.23
CA ILE C 50 7.88 -12.67 -3.96
C ILE C 50 6.77 -13.57 -3.36
N PRO C 51 5.54 -13.07 -3.40
CA PRO C 51 4.46 -13.93 -2.91
C PRO C 51 4.13 -15.01 -3.93
N ASN C 52 4.23 -16.30 -3.51
CA ASN C 52 4.10 -17.35 -4.50
C ASN C 52 2.72 -17.47 -5.02
N ASN C 53 1.69 -16.90 -4.37
CA ASN C 53 0.39 -16.98 -5.01
C ASN C 53 0.08 -15.89 -6.09
N TYR C 54 1.05 -15.03 -6.38
CA TYR C 54 0.98 -14.17 -7.56
C TYR C 54 1.50 -14.80 -8.83
N VAL C 55 2.10 -16.00 -8.75
CA VAL C 55 2.74 -16.59 -9.90
C VAL C 55 2.27 -18.05 -10.14
N LYS C 56 2.54 -18.50 -11.36
CA LYS C 56 2.31 -19.89 -11.76
C LYS C 56 3.60 -20.50 -12.26
N GLU C 57 3.99 -21.59 -11.64
CA GLU C 57 5.20 -22.27 -12.08
C GLU C 57 5.05 -22.80 -13.48
N ILE C 58 6.09 -22.63 -14.28
CA ILE C 58 6.11 -23.00 -15.65
C ILE C 58 6.54 -24.45 -15.73
N LEU C 59 5.67 -25.27 -16.30
CA LEU C 59 5.91 -26.69 -16.42
C LEU C 59 5.58 -26.94 -17.88
N GLU C 60 6.56 -26.98 -18.75
CA GLU C 60 6.29 -27.25 -20.18
C GLU C 60 5.67 -28.66 -20.37
N HIS C 61 4.47 -28.73 -20.89
CA HIS C 61 3.80 -29.99 -21.20
C HIS C 61 3.81 -30.36 -22.69
N HIS C 62 4.36 -29.48 -23.55
CA HIS C 62 4.50 -29.74 -24.95
C HIS C 62 5.93 -29.46 -25.36
N HIS C 63 6.46 -30.25 -26.29
CA HIS C 63 7.72 -29.96 -26.89
C HIS C 63 7.56 -28.83 -27.93
N HIS C 64 8.50 -27.90 -27.97
CA HIS C 64 8.53 -26.92 -29.07
C HIS C 64 9.32 -27.52 -30.25
N ALA D 1 -7.95 3.28 2.01
CA ALA D 1 -8.60 2.82 3.25
C ALA D 1 -8.13 3.70 4.44
N SER D 2 -8.70 3.54 5.63
CA SER D 2 -8.06 4.09 6.79
C SER D 2 -8.43 3.20 7.93
N MET D 3 -7.81 3.39 9.07
CA MET D 3 -8.06 2.48 10.23
C MET D 3 -9.33 2.87 10.94
N LEU D 4 -10.12 1.86 11.23
CA LEU D 4 -11.23 2.05 12.13
C LEU D 4 -10.68 2.31 13.54
N PRO D 5 -11.51 2.84 14.44
CA PRO D 5 -11.03 3.00 15.85
C PRO D 5 -10.78 1.67 16.49
N GLN D 6 -9.80 1.63 17.39
CA GLN D 6 -9.54 0.37 18.09
C GLN D 6 -9.37 0.64 19.60
N VAL D 7 -9.54 -0.43 20.38
CA VAL D 7 -9.35 -0.40 21.78
C VAL D 7 -8.51 -1.59 22.16
N LYS D 8 -7.88 -1.44 23.31
CA LYS D 8 -7.06 -2.48 23.89
C LYS D 8 -7.74 -2.94 25.14
N ALA D 9 -7.96 -4.25 25.27
CA ALA D 9 -8.56 -4.78 26.48
C ALA D 9 -7.65 -4.63 27.70
N LEU D 10 -8.24 -4.11 28.75
CA LEU D 10 -7.55 -4.00 30.09
C LEU D 10 -7.78 -5.18 30.95
N TYR D 11 -9.00 -5.69 30.91
CA TYR D 11 -9.48 -6.80 31.75
C TYR D 11 -10.18 -7.78 30.84
N PRO D 12 -10.19 -9.07 31.17
CA PRO D 12 -10.88 -10.02 30.30
C PRO D 12 -12.39 -9.83 30.47
N TYR D 13 -13.13 -10.12 29.40
CA TYR D 13 -14.57 -10.07 29.44
C TYR D 13 -15.08 -11.36 28.82
N THR D 14 -15.99 -11.98 29.52
CA THR D 14 -16.70 -13.16 29.06
C THR D 14 -18.13 -12.82 28.79
N ALA D 15 -18.56 -12.94 27.53
CA ALA D 15 -19.89 -12.59 27.12
C ALA D 15 -20.95 -13.28 27.99
N ALA D 16 -21.94 -12.48 28.36
CA ALA D 16 -23.10 -12.93 29.15
C ALA D 16 -24.17 -13.49 28.30
N ASN D 17 -24.14 -13.16 27.03
CA ASN D 17 -25.07 -13.68 26.03
C ASN D 17 -24.47 -13.63 24.64
N ASP D 18 -25.20 -14.14 23.69
CA ASP D 18 -24.67 -14.38 22.33
C ASP D 18 -24.39 -13.13 21.50
N GLU D 19 -24.94 -11.96 21.90
CA GLU D 19 -24.76 -10.74 21.17
C GLU D 19 -23.56 -9.97 21.69
N GLU D 20 -22.93 -10.50 22.71
CA GLU D 20 -21.74 -9.83 23.31
C GLU D 20 -20.52 -10.54 22.79
N LEU D 21 -19.40 -9.84 22.84
CA LEU D 21 -18.07 -10.41 22.45
C LEU D 21 -17.17 -10.63 23.62
N SER D 22 -16.67 -11.88 23.75
CA SER D 22 -15.62 -12.15 24.75
C SER D 22 -14.28 -11.73 24.27
N PHE D 23 -13.36 -11.40 25.20
CA PHE D 23 -12.00 -11.03 24.86
C PHE D 23 -11.10 -11.21 26.04
N LYS D 24 -9.83 -11.28 25.74
CA LYS D 24 -8.77 -11.48 26.72
C LYS D 24 -7.99 -10.20 26.92
N VAL D 25 -7.30 -10.12 28.05
CA VAL D 25 -6.42 -9.01 28.32
C VAL D 25 -5.49 -8.79 27.12
N GLY D 26 -5.36 -7.51 26.76
CA GLY D 26 -4.42 -7.04 25.77
C GLY D 26 -4.94 -7.21 24.30
N ASP D 27 -6.11 -7.82 24.10
CA ASP D 27 -6.69 -7.95 22.77
C ASP D 27 -7.00 -6.56 22.22
N ILE D 28 -6.73 -6.42 20.91
CA ILE D 28 -6.97 -5.18 20.15
C ILE D 28 -8.22 -5.46 19.33
N ILE D 29 -9.27 -4.69 19.62
CA ILE D 29 -10.56 -4.89 19.14
C ILE D 29 -10.91 -3.68 18.27
N THR D 30 -11.44 -3.94 17.08
CA THR D 30 -11.91 -2.91 16.18
C THR D 30 -13.33 -2.46 16.56
N ILE D 31 -13.61 -1.18 16.58
CA ILE D 31 -14.91 -0.63 16.96
C ILE D 31 -15.71 -0.26 15.72
N LEU D 32 -16.90 -0.83 15.63
CA LEU D 32 -17.86 -0.54 14.56
C LEU D 32 -18.90 0.47 14.84
N GLU D 33 -19.33 0.62 16.09
CA GLU D 33 -20.35 1.55 16.53
C GLU D 33 -20.26 1.72 18.03
N LYS D 34 -20.82 2.83 18.53
CA LYS D 34 -20.75 3.20 19.99
C LYS D 34 -22.19 3.52 20.48
N ASP D 35 -22.62 2.86 21.58
CA ASP D 35 -23.96 3.01 22.18
C ASP D 35 -23.84 3.16 23.72
N GLU D 36 -23.64 4.39 24.15
CA GLU D 36 -23.47 4.74 25.56
C GLU D 36 -22.31 3.84 26.10
N GLY D 37 -22.60 2.97 27.03
CA GLY D 37 -21.58 2.19 27.78
C GLY D 37 -21.01 0.98 27.05
N TRP D 38 -21.53 0.72 25.84
CA TRP D 38 -21.31 -0.51 25.10
C TRP D 38 -20.91 -0.22 23.65
N TRP D 39 -19.84 -0.82 23.20
CA TRP D 39 -19.38 -0.55 21.86
C TRP D 39 -19.53 -1.83 21.05
N LYS D 40 -19.83 -1.74 19.77
CA LYS D 40 -19.77 -2.95 18.88
C LYS D 40 -18.42 -3.21 18.43
N GLY D 41 -17.81 -4.31 18.89
CA GLY D 41 -16.44 -4.72 18.56
C GLY D 41 -16.35 -5.89 17.54
N GLU D 42 -15.20 -5.97 16.85
CA GLU D 42 -14.84 -7.03 15.96
C GLU D 42 -13.47 -7.47 16.36
N LEU D 43 -13.31 -8.74 16.61
CA LEU D 43 -12.05 -9.33 16.95
C LEU D 43 -11.87 -10.66 16.18
N ASN D 44 -10.82 -10.77 15.33
CA ASN D 44 -10.58 -11.99 14.53
C ASN D 44 -11.87 -12.42 13.78
N GLY D 45 -12.60 -11.43 13.28
CA GLY D 45 -13.76 -11.66 12.47
C GLY D 45 -15.06 -11.82 13.29
N GLN D 46 -14.94 -11.89 14.62
CA GLN D 46 -16.15 -12.11 15.45
C GLN D 46 -16.64 -10.78 15.92
N GLU D 47 -17.94 -10.61 16.06
CA GLU D 47 -18.56 -9.35 16.31
C GLU D 47 -19.52 -9.47 17.47
N GLY D 48 -19.53 -8.46 18.32
CA GLY D 48 -20.52 -8.36 19.39
C GLY D 48 -20.30 -7.16 20.25
N TRP D 49 -21.26 -6.89 21.11
CA TRP D 49 -21.10 -5.76 22.04
C TRP D 49 -20.04 -6.04 23.11
N ILE D 50 -19.33 -4.95 23.52
CA ILE D 50 -18.34 -4.99 24.56
C ILE D 50 -18.51 -3.80 25.50
N PRO D 51 -18.21 -3.99 26.79
CA PRO D 51 -18.38 -2.87 27.77
C PRO D 51 -17.19 -1.98 27.70
N ASN D 52 -17.46 -0.72 27.53
CA ASN D 52 -16.32 0.17 27.34
C ASN D 52 -15.46 0.39 28.55
N ASN D 53 -15.95 0.04 29.75
CA ASN D 53 -15.12 0.11 30.96
C ASN D 53 -14.07 -1.01 31.10
N TYR D 54 -14.08 -1.95 30.18
CA TYR D 54 -13.04 -3.02 30.13
C TYR D 54 -11.90 -2.78 29.18
N VAL D 55 -11.99 -1.67 28.43
CA VAL D 55 -11.02 -1.44 27.35
C VAL D 55 -10.59 0.03 27.38
N LYS D 56 -9.54 0.30 26.68
CA LYS D 56 -8.97 1.65 26.59
C LYS D 56 -8.80 1.95 25.13
N GLU D 57 -9.43 3.02 24.67
CA GLU D 57 -9.31 3.39 23.25
C GLU D 57 -7.83 3.71 22.92
N ILE D 58 -7.40 3.30 21.75
CA ILE D 58 -6.04 3.52 21.30
C ILE D 58 -5.98 4.92 20.68
N LEU D 59 -5.37 5.87 21.39
CA LEU D 59 -5.29 7.26 20.91
C LEU D 59 -3.82 7.72 21.18
N GLU D 60 -2.96 7.72 20.15
CA GLU D 60 -1.55 8.01 20.45
C GLU D 60 -1.30 9.52 20.74
N HIS D 61 -0.45 9.80 21.74
CA HIS D 61 0.06 11.15 21.93
C HIS D 61 1.51 11.30 21.55
N HIS D 62 2.12 10.20 21.17
CA HIS D 62 3.47 10.21 20.64
C HIS D 62 3.55 9.42 19.37
N HIS D 63 4.46 9.81 18.49
CA HIS D 63 4.81 9.03 17.34
C HIS D 63 5.76 7.90 17.65
N HIS D 64 5.49 6.73 17.09
CA HIS D 64 6.28 5.50 17.34
C HIS D 64 6.80 4.93 16.03
N ALA E 1 37.53 2.14 9.49
CA ALA E 1 38.90 2.34 8.87
C ALA E 1 38.94 3.66 8.09
N SER E 2 38.25 3.80 6.99
CA SER E 2 38.21 5.04 6.18
C SER E 2 36.90 5.74 6.38
N MET E 3 36.93 7.08 6.53
CA MET E 3 35.72 7.85 6.69
C MET E 3 34.99 8.04 5.36
N LEU E 4 33.68 7.91 5.38
CA LEU E 4 32.93 8.18 4.18
C LEU E 4 32.19 9.47 4.41
N PRO E 5 32.00 10.27 3.36
CA PRO E 5 31.14 11.43 3.57
C PRO E 5 29.71 11.16 3.96
N GLN E 6 29.16 12.06 4.74
CA GLN E 6 27.75 11.93 5.13
C GLN E 6 27.08 13.21 4.74
N VAL E 7 25.82 13.07 4.30
CA VAL E 7 25.07 14.21 3.84
C VAL E 7 23.69 14.12 4.53
N LYS E 8 23.09 15.26 4.68
CA LYS E 8 21.72 15.39 5.25
C LYS E 8 20.81 15.84 4.15
N ALA E 9 19.73 15.12 3.99
CA ALA E 9 18.79 15.50 2.90
C ALA E 9 18.04 16.75 3.29
N LEU E 10 18.06 17.73 2.41
CA LEU E 10 17.26 18.98 2.52
C LEU E 10 15.85 18.78 2.06
N TYR E 11 15.65 17.92 1.05
CA TYR E 11 14.37 17.68 0.43
C TYR E 11 14.25 16.18 0.29
N PRO E 12 13.03 15.65 0.27
CA PRO E 12 12.86 14.22 0.03
C PRO E 12 13.03 13.94 -1.52
N TYR E 13 13.31 12.69 -1.83
CA TYR E 13 13.39 12.22 -3.19
C TYR E 13 12.77 10.85 -3.32
N THR E 14 12.07 10.64 -4.44
CA THR E 14 11.53 9.28 -4.81
C THR E 14 12.30 8.74 -6.02
N ALA E 15 12.92 7.59 -5.83
CA ALA E 15 13.68 6.99 -6.88
C ALA E 15 12.83 6.82 -8.11
N ALA E 16 13.40 7.15 -9.21
CA ALA E 16 12.65 7.10 -10.55
C ALA E 16 12.89 5.78 -11.24
N ASN E 17 13.85 5.04 -10.75
CA ASN E 17 14.16 3.67 -11.26
C ASN E 17 14.86 2.90 -10.21
N ASP E 18 15.10 1.61 -10.43
CA ASP E 18 15.69 0.77 -9.41
C ASP E 18 17.13 1.08 -9.05
N GLU E 19 17.84 1.88 -9.87
CA GLU E 19 19.22 2.16 -9.58
C GLU E 19 19.32 3.40 -8.67
N GLU E 20 18.19 4.09 -8.46
CA GLU E 20 18.24 5.27 -7.56
C GLU E 20 17.83 4.92 -6.11
N LEU E 21 18.11 5.83 -5.20
CA LEU E 21 17.76 5.69 -3.79
C LEU E 21 16.80 6.77 -3.31
N SER E 22 15.64 6.36 -2.82
CA SER E 22 14.67 7.27 -2.18
C SER E 22 15.15 7.69 -0.82
N PHE E 23 14.76 8.87 -0.38
CA PHE E 23 15.08 9.32 0.98
C PHE E 23 14.10 10.41 1.42
N LYS E 24 14.12 10.63 2.71
CA LYS E 24 13.21 11.59 3.34
C LYS E 24 13.96 12.80 3.86
N VAL E 25 13.29 13.90 4.02
CA VAL E 25 13.89 15.10 4.61
C VAL E 25 14.58 14.77 5.93
N GLY E 26 15.84 15.19 6.06
CA GLY E 26 16.64 15.07 7.25
C GLY E 26 17.37 13.74 7.34
N ASP E 27 17.14 12.81 6.40
CA ASP E 27 17.89 11.52 6.37
C ASP E 27 19.39 11.80 6.24
N ILE E 28 20.18 10.99 6.97
CA ILE E 28 21.62 11.06 6.93
C ILE E 28 22.09 9.89 6.07
N ILE E 29 22.68 10.27 4.93
CA ILE E 29 23.01 9.30 3.87
C ILE E 29 24.54 9.23 3.75
N THR E 30 25.02 8.03 3.68
CA THR E 30 26.46 7.79 3.49
C THR E 30 26.82 7.79 2.05
N ILE E 31 27.90 8.45 1.64
CA ILE E 31 28.24 8.50 0.23
C ILE E 31 29.36 7.56 -0.11
N LEU E 32 29.06 6.66 -1.00
CA LEU E 32 29.99 5.67 -1.49
C LEU E 32 30.78 6.09 -2.71
N GLU E 33 30.23 6.90 -3.56
CA GLU E 33 30.88 7.36 -4.76
C GLU E 33 30.30 8.67 -5.20
N LYS E 34 31.11 9.50 -5.83
CA LYS E 34 30.70 10.82 -6.36
C LYS E 34 30.91 10.80 -7.88
N ASP E 35 29.85 11.11 -8.66
CA ASP E 35 29.85 11.12 -10.17
C ASP E 35 29.01 12.31 -10.77
N GLU E 36 29.62 13.45 -10.77
CA GLU E 36 28.99 14.70 -11.23
C GLU E 36 27.74 14.96 -10.38
N GLY E 37 26.62 15.21 -11.00
CA GLY E 37 25.37 15.52 -10.37
C GLY E 37 24.71 14.46 -9.49
N TRP E 38 25.12 13.23 -9.71
CA TRP E 38 24.56 12.09 -8.96
C TRP E 38 25.67 11.47 -8.10
N TRP E 39 25.33 11.20 -6.84
CA TRP E 39 26.24 10.47 -5.94
C TRP E 39 25.64 9.15 -5.59
N LYS E 40 26.48 8.15 -5.25
CA LYS E 40 25.96 6.86 -4.86
C LYS E 40 25.82 6.93 -3.40
N GLY E 41 24.57 6.82 -2.96
CA GLY E 41 24.25 6.90 -1.56
C GLY E 41 23.99 5.54 -0.90
N GLU E 42 24.16 5.49 0.41
CA GLU E 42 23.78 4.33 1.25
C GLU E 42 23.01 4.78 2.43
N LEU E 43 21.88 4.11 2.68
CA LEU E 43 20.88 4.51 3.69
C LEU E 43 20.19 3.28 4.25
N ASN E 44 20.49 2.95 5.50
CA ASN E 44 19.84 1.77 6.16
C ASN E 44 19.95 0.49 5.37
N GLY E 45 21.10 0.33 4.73
CA GLY E 45 21.42 -0.83 4.01
C GLY E 45 21.03 -0.85 2.58
N GLN E 46 20.44 0.23 2.07
CA GLN E 46 20.03 0.28 0.62
C GLN E 46 20.97 1.21 -0.03
N GLU E 47 21.40 0.88 -1.25
CA GLU E 47 22.26 1.80 -1.99
C GLU E 47 21.64 2.17 -3.34
N GLY E 48 21.90 3.38 -3.75
CA GLY E 48 21.41 3.87 -5.04
C GLY E 48 21.86 5.26 -5.32
N TRP E 49 21.74 5.72 -6.58
CA TRP E 49 22.14 7.02 -6.94
C TRP E 49 21.18 8.04 -6.38
N ILE E 50 21.71 9.16 -5.92
CA ILE E 50 20.94 10.27 -5.43
C ILE E 50 21.36 11.57 -6.13
N PRO E 51 20.39 12.50 -6.26
CA PRO E 51 20.77 13.82 -6.75
C PRO E 51 21.45 14.65 -5.72
N ASN E 52 22.68 15.09 -6.03
CA ASN E 52 23.45 15.72 -4.99
C ASN E 52 23.00 17.08 -4.52
N ASN E 53 22.22 17.80 -5.34
CA ASN E 53 21.68 19.03 -4.97
C ASN E 53 20.44 18.95 -4.05
N TYR E 54 20.03 17.73 -3.66
CA TYR E 54 19.03 17.53 -2.65
C TYR E 54 19.58 17.46 -1.23
N VAL E 55 20.91 17.43 -1.11
CA VAL E 55 21.58 17.13 0.13
C VAL E 55 22.70 18.11 0.46
N LYS E 56 23.03 18.18 1.74
CA LYS E 56 24.10 19.02 2.21
C LYS E 56 25.11 18.20 2.93
N GLU E 57 26.36 18.25 2.47
CA GLU E 57 27.39 17.45 3.10
C GLU E 57 27.60 17.93 4.51
N ILE E 58 27.77 16.97 5.41
CA ILE E 58 27.90 17.25 6.87
C ILE E 58 29.35 17.41 7.18
N LEU E 59 29.76 18.60 7.55
CA LEU E 59 31.15 18.80 7.99
C LEU E 59 30.92 19.19 9.44
N GLU E 60 31.59 18.53 10.34
CA GLU E 60 31.48 18.87 11.74
C GLU E 60 32.48 19.97 12.06
N HIS E 61 32.00 21.09 12.59
CA HIS E 61 32.91 22.21 12.95
C HIS E 61 33.19 22.40 14.40
N HIS E 62 32.56 21.59 15.25
CA HIS E 62 32.61 21.68 16.70
C HIS E 62 32.90 20.28 17.22
N HIS E 63 33.80 20.14 18.21
CA HIS E 63 33.98 18.84 18.91
C HIS E 63 32.77 18.64 19.83
N HIS E 64 32.18 17.45 19.86
CA HIS E 64 30.99 17.19 20.74
C HIS E 64 31.47 16.90 22.17
N HIS E 65 30.97 17.66 23.18
CA HIS E 65 31.44 17.62 24.58
C HIS E 65 31.61 16.22 25.14
N ALA F 1 -14.99 28.81 19.60
CA ALA F 1 -14.05 27.68 19.23
C ALA F 1 -12.62 28.13 19.37
N SER F 2 -11.71 27.19 19.22
CA SER F 2 -10.28 27.40 19.25
C SER F 2 -9.74 27.14 17.86
N MET F 3 -9.01 28.08 17.25
CA MET F 3 -8.39 27.91 15.96
C MET F 3 -7.14 27.08 16.17
N LEU F 4 -7.11 25.94 15.47
CA LEU F 4 -5.99 25.05 15.51
C LEU F 4 -4.90 25.49 14.56
N PRO F 5 -3.66 25.08 14.85
CA PRO F 5 -2.60 25.40 13.87
C PRO F 5 -2.83 24.70 12.52
N GLN F 6 -2.42 25.33 11.45
CA GLN F 6 -2.58 24.75 10.14
C GLN F 6 -1.26 24.82 9.44
N VAL F 7 -1.02 23.84 8.60
CA VAL F 7 0.26 23.78 7.88
C VAL F 7 -0.07 23.47 6.45
N LYS F 8 0.88 23.79 5.53
CA LYS F 8 0.80 23.50 4.13
C LYS F 8 1.94 22.60 3.72
N ALA F 9 1.61 21.50 3.09
CA ALA F 9 2.64 20.52 2.72
C ALA F 9 3.56 21.11 1.66
N LEU F 10 4.87 20.96 1.91
CA LEU F 10 5.93 21.34 0.97
C LEU F 10 6.29 20.23 -0.06
N TYR F 11 6.14 18.96 0.34
CA TYR F 11 6.47 17.80 -0.45
C TYR F 11 5.46 16.74 -0.14
N PRO F 12 5.16 15.82 -1.09
CA PRO F 12 4.31 14.74 -0.74
C PRO F 12 4.93 13.82 0.28
N TYR F 13 4.08 13.10 1.01
CA TYR F 13 4.52 12.06 1.94
C TYR F 13 3.60 10.87 1.91
N THR F 14 4.18 9.69 1.94
CA THR F 14 3.41 8.41 2.03
C THR F 14 3.61 7.81 3.36
N ALA F 15 2.53 7.68 4.11
CA ALA F 15 2.61 7.07 5.46
C ALA F 15 3.38 5.75 5.42
N ALA F 16 4.23 5.61 6.37
CA ALA F 16 5.06 4.43 6.50
C ALA F 16 4.34 3.33 7.28
N ASN F 17 3.24 3.68 7.99
CA ASN F 17 2.51 2.74 8.75
C ASN F 17 1.14 3.29 8.98
N ASP F 18 0.26 2.50 9.57
CA ASP F 18 -1.14 2.90 9.71
C ASP F 18 -1.36 4.10 10.62
N GLU F 19 -0.39 4.47 11.43
CA GLU F 19 -0.57 5.54 12.40
C GLU F 19 -0.09 6.90 11.85
N GLU F 20 0.53 6.85 10.70
CA GLU F 20 0.90 8.06 9.91
C GLU F 20 -0.16 8.46 8.87
N LEU F 21 -0.02 9.69 8.38
CA LEU F 21 -0.95 10.32 7.44
C LEU F 21 -0.22 10.65 6.20
N SER F 22 -0.71 10.14 5.07
CA SER F 22 -0.21 10.57 3.72
C SER F 22 -0.80 11.86 3.28
N PHE F 23 -0.09 12.54 2.39
CA PHE F 23 -0.55 13.83 1.84
C PHE F 23 0.22 14.23 0.64
N LYS F 24 -0.33 15.16 -0.08
CA LYS F 24 0.30 15.70 -1.29
C LYS F 24 0.74 17.14 -1.12
N VAL F 25 1.60 17.60 -2.03
CA VAL F 25 2.03 18.94 -1.98
C VAL F 25 0.84 19.89 -2.05
N GLY F 26 0.86 20.85 -1.17
CA GLY F 26 -0.16 21.90 -1.14
C GLY F 26 -1.31 21.60 -0.21
N ASP F 27 -1.37 20.33 0.29
CA ASP F 27 -2.42 19.95 1.23
C ASP F 27 -2.33 20.79 2.46
N ILE F 28 -3.52 21.28 2.95
CA ILE F 28 -3.63 22.10 4.17
C ILE F 28 -4.12 21.16 5.28
N ILE F 29 -3.26 20.98 6.27
CA ILE F 29 -3.38 19.96 7.31
C ILE F 29 -3.53 20.66 8.65
N THR F 30 -4.55 20.23 9.41
CA THR F 30 -4.80 20.75 10.71
C THR F 30 -4.04 20.03 11.75
N ILE F 31 -3.50 20.72 12.72
CA ILE F 31 -2.63 20.06 13.62
C ILE F 31 -3.31 19.89 14.99
N LEU F 32 -3.38 18.66 15.43
CA LEU F 32 -4.17 18.32 16.64
C LEU F 32 -3.32 18.18 17.86
N GLU F 33 -2.07 17.85 17.66
CA GLU F 33 -1.10 17.60 18.69
C GLU F 33 0.29 17.70 18.10
N LYS F 34 1.28 17.97 18.92
CA LYS F 34 2.69 17.95 18.50
C LYS F 34 3.50 17.00 19.34
N ASP F 35 4.42 16.23 18.73
CA ASP F 35 5.42 15.41 19.38
C ASP F 35 6.83 15.59 18.75
N GLU F 36 7.47 16.72 19.07
CA GLU F 36 8.80 17.05 18.60
C GLU F 36 8.78 16.98 17.05
N GLY F 37 9.51 16.05 16.44
CA GLY F 37 9.62 15.93 14.96
C GLY F 37 8.34 15.58 14.20
N TRP F 38 7.41 15.00 14.93
CA TRP F 38 6.15 14.44 14.32
C TRP F 38 4.95 15.12 14.91
N TRP F 39 4.04 15.60 14.05
CA TRP F 39 2.89 16.29 14.46
C TRP F 39 1.69 15.49 14.10
N LYS F 40 0.65 15.58 14.89
CA LYS F 40 -0.54 14.77 14.57
C LYS F 40 -1.46 15.60 13.70
N GLY F 41 -1.64 15.17 12.45
CA GLY F 41 -2.43 15.90 11.48
C GLY F 41 -3.79 15.35 11.22
N GLU F 42 -4.65 16.21 10.70
CA GLU F 42 -5.98 15.91 10.36
C GLU F 42 -6.24 16.51 8.98
N LEU F 43 -6.78 15.67 8.10
CA LEU F 43 -6.93 15.99 6.71
C LEU F 43 -8.04 15.14 6.11
N ASN F 44 -9.05 15.78 5.55
CA ASN F 44 -10.15 15.03 4.84
C ASN F 44 -10.70 13.87 5.68
N GLY F 45 -10.91 14.16 6.96
CA GLY F 45 -11.50 13.21 7.94
C GLY F 45 -10.57 12.13 8.45
N GLN F 46 -9.28 12.22 8.10
CA GLN F 46 -8.32 11.24 8.51
C GLN F 46 -7.32 11.91 9.42
N GLU F 47 -6.76 11.15 10.36
CA GLU F 47 -5.83 11.65 11.32
C GLU F 47 -4.64 10.72 11.46
N GLY F 48 -3.46 11.28 11.49
CA GLY F 48 -2.25 10.51 11.75
C GLY F 48 -1.03 11.37 11.85
N TRP F 49 0.09 10.76 12.22
CA TRP F 49 1.34 11.56 12.38
C TRP F 49 1.93 11.92 10.98
N ILE F 50 2.40 13.16 10.95
CA ILE F 50 3.15 13.69 9.86
C ILE F 50 4.54 14.19 10.31
N PRO F 51 5.50 14.09 9.40
CA PRO F 51 6.85 14.70 9.65
C PRO F 51 6.82 16.22 9.50
N ASN F 52 7.11 16.95 10.56
CA ASN F 52 6.96 18.37 10.50
C ASN F 52 7.93 19.05 9.53
N ASN F 53 9.05 18.40 9.23
CA ASN F 53 9.85 18.97 8.17
C ASN F 53 9.39 18.76 6.76
N TYR F 54 8.17 18.22 6.52
CA TYR F 54 7.59 18.23 5.21
C TYR F 54 6.61 19.39 5.00
N VAL F 55 6.38 20.19 6.05
CA VAL F 55 5.28 21.15 6.04
C VAL F 55 5.77 22.53 6.55
N LYS F 56 5.05 23.58 6.21
CA LYS F 56 5.36 24.89 6.74
C LYS F 56 4.08 25.37 7.47
N GLU F 57 4.25 25.90 8.66
CA GLU F 57 3.17 26.56 9.41
C GLU F 57 2.62 27.73 8.63
N ILE F 58 1.29 27.91 8.62
CA ILE F 58 0.69 29.06 7.95
C ILE F 58 -0.13 29.87 8.98
N LEU F 59 -0.41 31.14 8.70
CA LEU F 59 -1.39 31.92 9.55
C LEU F 59 -0.94 32.16 10.99
#